data_1V0V
#
_entry.id   1V0V
#
_cell.length_a   57.450
_cell.length_b   56.750
_cell.length_c   68.540
_cell.angle_alpha   90.00
_cell.angle_beta   93.39
_cell.angle_gamma   90.00
#
_symmetry.space_group_name_H-M   'P 1 21 1'
#
loop_
_entity.id
_entity.type
_entity.pdbx_description
1 polymer 'PHOSPHOLIPASE D'
2 non-polymer 'PHOSPHITE ION'
3 water water
#
_entity_poly.entity_id   1
_entity_poly.type   'polypeptide(L)'
_entity_poly.pdbx_seq_one_letter_code
;ADSATPHLDAVEQTLRQVSPGLEGDVWERTSGNKLDGSAADPSDWLLQTPGCWGDDKCADRVGTKRLLAKMTENIGNATR
TVDISTLAPFPNGAFQDAIVAGLKESAAKGNKLKVRILVGAAPVYHMNVIPSKYRDELTAKLGKAAENITLNVASMTTSK
TAFSWNHSKILVVDGQSALTGGINSWKDDYLDTTHPVSDVDLALTGPAAGSAGRYLDTLWTWTCQNKSNIASVWFAASGN
AGCMPTMHKDTNPKASPATGNVPVIAVGGLGVGIKDVDPKSTFRPDLPTASDTKCVVGLHDNTNADRDYDTVNPEESALR
ALVASAKGHIEISQQDLNATCPPLPRYDIRLYDALAAKMAAGVKVRIVVSDPANRGAVGSGGYSQIKSLSEISDTLRNRL
ANITGGQQAAKTAMCSNLQLATFRSSPNGKWADGHPYAQHHKLVSVDSSTFYIGSKNLYPSWLQDFGYIVESPEAAKQLD
AKLLDPQWKYSQETATVDYARGICNA
;
_entity_poly.pdbx_strand_id   A
#
loop_
_chem_comp.id
_chem_comp.type
_chem_comp.name
_chem_comp.formula
PO3 non-polymer 'PHOSPHITE ION' 'O3 P -3'
#
# COMPACT_ATOMS: atom_id res chain seq x y z
N SER A 3 -15.64 22.95 -4.46
CA SER A 3 -15.84 21.50 -4.75
C SER A 3 -16.05 20.70 -3.45
N ALA A 4 -16.80 19.60 -3.55
CA ALA A 4 -16.99 18.68 -2.44
C ALA A 4 -15.68 17.86 -2.25
N THR A 5 -14.82 17.84 -3.27
CA THR A 5 -13.59 17.01 -3.24
C THR A 5 -12.31 17.76 -3.57
N PRO A 6 -11.95 18.76 -2.78
CA PRO A 6 -10.77 19.55 -3.16
C PRO A 6 -9.46 18.70 -3.20
N HIS A 7 -9.33 17.70 -2.36
CA HIS A 7 -8.09 16.92 -2.29
C HIS A 7 -7.96 16.01 -3.53
N LEU A 8 -9.00 15.27 -3.88
CA LEU A 8 -8.90 14.44 -5.11
C LEU A 8 -8.76 15.30 -6.38
N ASP A 9 -9.37 16.48 -6.43
CA ASP A 9 -9.27 17.33 -7.59
C ASP A 9 -7.82 17.69 -7.85
N ALA A 10 -7.13 18.05 -6.78
CA ALA A 10 -5.72 18.42 -6.87
C ALA A 10 -4.86 17.21 -7.33
N VAL A 11 -5.08 16.08 -6.67
CA VAL A 11 -4.33 14.84 -7.00
C VAL A 11 -4.60 14.49 -8.48
N GLU A 12 -5.87 14.49 -8.89
CA GLU A 12 -6.26 14.16 -10.28
C GLU A 12 -5.60 15.06 -11.28
N GLN A 13 -5.50 16.33 -10.96
CA GLN A 13 -4.84 17.25 -11.93
C GLN A 13 -3.36 16.93 -12.09
N THR A 14 -2.68 16.57 -11.01
CA THR A 14 -1.28 16.15 -11.05
C THR A 14 -1.14 14.87 -11.88
N LEU A 15 -2.00 13.89 -11.63
CA LEU A 15 -1.84 12.62 -12.36
C LEU A 15 -2.05 12.76 -13.86
N ARG A 16 -2.92 13.67 -14.29
CA ARG A 16 -3.20 13.80 -15.68
C ARG A 16 -2.00 14.48 -16.38
N GLN A 17 -1.24 15.26 -15.64
CA GLN A 17 0.00 15.86 -16.18
C GLN A 17 1.14 14.87 -16.17
N VAL A 18 1.23 14.04 -15.12
CA VAL A 18 2.34 13.10 -15.00
C VAL A 18 2.21 11.89 -15.92
N SER A 19 1.04 11.26 -15.88
CA SER A 19 0.80 9.96 -16.56
C SER A 19 -0.52 9.88 -17.38
N PRO A 20 -0.73 10.79 -18.32
CA PRO A 20 -1.99 10.78 -19.06
C PRO A 20 -2.26 9.50 -19.79
N GLY A 21 -1.24 8.86 -20.32
CA GLY A 21 -1.41 7.64 -21.11
C GLY A 21 -1.76 6.43 -20.29
N LEU A 22 -1.60 6.54 -18.98
CA LEU A 22 -1.90 5.40 -18.08
C LEU A 22 -3.28 5.59 -17.39
N GLU A 23 -4.00 6.66 -17.68
CA GLU A 23 -5.33 6.89 -17.12
C GLU A 23 -6.23 5.76 -17.60
N GLY A 24 -6.94 5.16 -16.63
CA GLY A 24 -7.80 3.97 -16.86
C GLY A 24 -7.15 2.66 -16.43
N ASP A 25 -5.83 2.56 -16.63
CA ASP A 25 -5.13 1.32 -16.38
C ASP A 25 -4.24 1.30 -15.15
N VAL A 26 -3.33 2.30 -14.98
CA VAL A 26 -2.52 2.36 -13.80
C VAL A 26 -2.99 3.38 -12.74
N TRP A 27 -3.78 4.36 -13.14
CA TRP A 27 -4.55 5.17 -12.21
C TRP A 27 -5.90 5.51 -12.81
N GLU A 28 -6.88 5.85 -11.97
CA GLU A 28 -8.23 6.16 -12.44
C GLU A 28 -9.05 6.79 -11.34
N ARG A 29 -9.73 7.89 -11.62
CA ARG A 29 -10.69 8.45 -10.70
C ARG A 29 -12.10 7.91 -11.00
N THR A 30 -12.75 7.37 -9.96
CA THR A 30 -14.13 6.92 -10.11
C THR A 30 -15.04 7.51 -9.06
N SER A 31 -16.34 7.48 -9.34
CA SER A 31 -17.35 7.89 -8.37
C SER A 31 -18.20 6.63 -8.10
N GLY A 32 -19.05 6.73 -7.11
CA GLY A 32 -20.07 5.68 -6.91
C GLY A 32 -19.64 4.48 -6.09
N ASN A 33 -18.54 4.60 -5.34
CA ASN A 33 -17.99 3.51 -4.56
C ASN A 33 -18.56 3.47 -3.14
N LYS A 34 -18.28 2.39 -2.40
CA LYS A 34 -18.72 2.22 -1.02
C LYS A 34 -17.58 1.61 -0.21
N LEU A 35 -17.30 2.17 0.95
CA LEU A 35 -16.47 1.47 1.94
C LEU A 35 -17.29 0.34 2.56
N ASP A 36 -16.74 -0.85 2.52
CA ASP A 36 -17.54 -2.05 2.65
C ASP A 36 -17.54 -2.60 4.08
N GLY A 37 -18.10 -1.84 5.01
CA GLY A 37 -18.21 -2.27 6.41
C GLY A 37 -19.53 -3.02 6.63
N SER A 38 -19.65 -3.61 7.83
CA SER A 38 -20.82 -4.39 8.26
C SER A 38 -21.87 -3.42 8.84
N ALA A 39 -23.08 -3.92 8.93
CA ALA A 39 -24.17 -3.18 9.58
C ALA A 39 -23.86 -2.83 11.06
N ALA A 40 -23.27 -3.77 11.77
CA ALA A 40 -23.05 -3.66 13.20
C ALA A 40 -21.89 -2.71 13.56
N ASP A 41 -20.87 -2.63 12.69
CA ASP A 41 -19.61 -1.93 12.99
C ASP A 41 -19.18 -1.29 11.66
N PRO A 42 -19.82 -0.19 11.25
CA PRO A 42 -19.61 0.39 9.91
C PRO A 42 -18.18 0.77 9.58
N SER A 43 -17.34 0.86 10.60
CA SER A 43 -15.95 1.22 10.40
C SER A 43 -15.13 0.00 10.01
N ASP A 44 -15.71 -1.19 9.99
CA ASP A 44 -14.89 -2.40 9.80
C ASP A 44 -14.56 -2.70 8.32
N TRP A 45 -14.88 -1.78 7.41
CA TRP A 45 -14.13 -1.70 6.11
C TRP A 45 -12.60 -1.55 6.35
N LEU A 46 -12.23 -1.01 7.51
CA LEU A 46 -10.87 -0.75 7.86
C LEU A 46 -10.26 -1.99 8.45
N LEU A 47 -9.59 -2.77 7.61
CA LEU A 47 -9.11 -4.10 7.97
C LEU A 47 -7.71 -3.96 8.55
N GLN A 48 -7.64 -3.32 9.71
CA GLN A 48 -6.44 -3.36 10.53
C GLN A 48 -6.16 -4.72 11.14
N THR A 49 -4.89 -4.99 11.31
CA THR A 49 -4.45 -6.14 12.06
C THR A 49 -3.29 -5.75 12.97
N PRO A 50 -3.22 -6.30 14.18
CA PRO A 50 -4.17 -7.25 14.79
C PRO A 50 -5.46 -6.66 15.38
N GLY A 51 -5.47 -5.37 15.63
CA GLY A 51 -6.61 -4.75 16.28
C GLY A 51 -6.73 -5.25 17.73
N CYS A 52 -5.68 -5.02 18.53
CA CYS A 52 -5.69 -5.45 19.94
C CYS A 52 -5.09 -4.34 20.74
N TRP A 53 -5.69 -3.18 20.59
CA TRP A 53 -5.23 -1.95 21.22
C TRP A 53 -5.32 -2.03 22.76
N GLY A 54 -4.26 -1.57 23.41
CA GLY A 54 -4.14 -1.53 24.86
C GLY A 54 -3.63 -2.79 25.52
N ASP A 55 -3.42 -3.87 24.77
CA ASP A 55 -3.13 -5.18 25.35
C ASP A 55 -1.78 -5.68 24.81
N ASP A 56 -0.75 -5.60 25.66
CA ASP A 56 0.59 -6.11 25.30
C ASP A 56 0.69 -7.61 25.06
N LYS A 57 -0.34 -8.34 25.46
CA LYS A 57 -0.47 -9.77 25.14
C LYS A 57 -1.29 -10.08 23.88
N CYS A 58 -1.94 -9.06 23.34
CA CYS A 58 -2.74 -9.22 22.11
C CYS A 58 -3.70 -10.39 22.17
N ALA A 59 -4.53 -10.43 23.21
CA ALA A 59 -5.42 -11.55 23.44
C ALA A 59 -6.60 -11.61 22.49
N ASP A 60 -7.28 -10.48 22.32
CA ASP A 60 -8.52 -10.41 21.54
C ASP A 60 -8.20 -9.63 20.21
N ARG A 61 -7.81 -10.39 19.20
CA ARG A 61 -7.41 -9.82 17.90
C ARG A 61 -8.60 -9.60 16.98
N VAL A 62 -9.39 -8.61 17.33
CA VAL A 62 -10.65 -8.39 16.58
C VAL A 62 -10.33 -8.00 15.12
N GLY A 63 -9.23 -7.29 14.92
CA GLY A 63 -8.74 -6.92 13.59
C GLY A 63 -8.42 -8.11 12.75
N THR A 64 -7.54 -9.00 13.26
CA THR A 64 -7.22 -10.20 12.51
C THR A 64 -8.44 -11.05 12.17
N LYS A 65 -9.34 -11.29 13.14
CA LYS A 65 -10.52 -12.11 12.87
C LYS A 65 -11.36 -11.58 11.67
N ARG A 66 -11.59 -10.29 11.69
CA ARG A 66 -12.40 -9.60 10.68
C ARG A 66 -11.69 -9.70 9.31
N LEU A 67 -10.39 -9.53 9.32
CA LEU A 67 -9.62 -9.59 8.05
C LEU A 67 -9.75 -10.91 7.34
N LEU A 68 -9.48 -12.01 8.05
CA LEU A 68 -9.61 -13.34 7.51
C LEU A 68 -11.07 -13.65 7.17
N ALA A 69 -12.02 -13.21 7.97
CA ALA A 69 -13.40 -13.47 7.65
C ALA A 69 -13.85 -12.72 6.37
N LYS A 70 -13.35 -11.49 6.22
CA LYS A 70 -13.76 -10.63 5.07
C LYS A 70 -13.14 -11.17 3.78
N MET A 71 -11.95 -11.70 3.86
CA MET A 71 -11.35 -12.39 2.73
C MET A 71 -12.20 -13.55 2.25
N THR A 72 -12.68 -14.38 3.18
CA THR A 72 -13.47 -15.52 2.83
C THR A 72 -14.83 -15.13 2.30
N GLU A 73 -15.44 -14.14 2.96
CA GLU A 73 -16.76 -13.65 2.57
C GLU A 73 -16.68 -13.14 1.11
N ASN A 74 -15.66 -12.35 0.80
CA ASN A 74 -15.60 -11.76 -0.55
C ASN A 74 -15.37 -12.80 -1.62
N ILE A 75 -14.48 -13.73 -1.34
CA ILE A 75 -14.20 -14.84 -2.30
C ILE A 75 -15.40 -15.78 -2.45
N GLY A 76 -16.07 -16.05 -1.34
CA GLY A 76 -17.23 -16.95 -1.34
C GLY A 76 -18.44 -16.39 -2.08
N ASN A 77 -18.45 -15.07 -2.30
CA ASN A 77 -19.41 -14.37 -3.14
C ASN A 77 -19.03 -14.25 -4.64
N ALA A 78 -17.90 -14.81 -5.06
CA ALA A 78 -17.50 -14.76 -6.44
C ALA A 78 -18.44 -15.53 -7.36
N THR A 79 -18.80 -14.94 -8.50
CA THR A 79 -19.50 -15.67 -9.55
C THR A 79 -18.68 -15.81 -10.81
N ARG A 80 -17.59 -15.02 -10.96
CA ARG A 80 -16.81 -15.13 -12.19
C ARG A 80 -15.28 -15.15 -12.04
N THR A 81 -14.71 -14.22 -11.28
CA THR A 81 -13.28 -14.03 -11.13
C THR A 81 -12.82 -13.75 -9.72
N VAL A 82 -11.64 -14.28 -9.43
CA VAL A 82 -10.86 -13.94 -8.27
C VAL A 82 -9.42 -13.61 -8.72
N ASP A 83 -8.92 -12.44 -8.30
CA ASP A 83 -7.65 -11.83 -8.79
C ASP A 83 -6.87 -11.40 -7.56
N ILE A 84 -5.74 -12.05 -7.28
CA ILE A 84 -4.92 -11.83 -6.13
C ILE A 84 -3.51 -11.53 -6.54
N SER A 85 -2.96 -10.45 -5.99
CA SER A 85 -1.54 -10.18 -5.98
C SER A 85 -0.98 -10.03 -4.58
N THR A 86 0.31 -10.32 -4.42
CA THR A 86 1.01 -10.16 -3.17
C THR A 86 2.53 -10.29 -3.38
N LEU A 87 3.27 -10.19 -2.30
CA LEU A 87 4.73 -10.32 -2.30
C LEU A 87 5.02 -11.72 -1.77
N ALA A 88 5.92 -12.43 -2.44
CA ALA A 88 6.27 -13.78 -1.99
C ALA A 88 6.88 -13.77 -0.60
N PRO A 89 6.77 -14.86 0.17
CA PRO A 89 6.02 -16.09 -0.14
C PRO A 89 4.53 -16.03 -0.43
N PHE A 90 4.08 -17.02 -1.23
CA PHE A 90 2.66 -17.27 -1.50
C PHE A 90 1.89 -17.38 -0.19
N PRO A 91 0.57 -17.08 -0.19
CA PRO A 91 -0.22 -17.13 1.04
C PRO A 91 -0.11 -18.48 1.77
N ASN A 92 0.04 -18.39 3.08
CA ASN A 92 0.09 -19.62 3.92
C ASN A 92 -0.77 -19.50 5.17
N GLY A 93 -0.78 -20.55 6.02
CA GLY A 93 -1.54 -20.51 7.25
C GLY A 93 -2.99 -20.18 7.00
N ALA A 94 -3.57 -19.36 7.87
CA ALA A 94 -5.01 -19.09 7.83
C ALA A 94 -5.37 -18.13 6.69
N PHE A 95 -4.37 -17.46 6.09
CA PHE A 95 -4.61 -16.69 4.85
C PHE A 95 -4.98 -17.65 3.70
N GLN A 96 -4.16 -18.69 3.50
CA GLN A 96 -4.43 -19.71 2.52
C GLN A 96 -5.73 -20.44 2.86
N ASP A 97 -5.97 -20.71 4.16
CA ASP A 97 -7.23 -21.33 4.55
C ASP A 97 -8.46 -20.52 4.16
N ALA A 98 -8.39 -19.22 4.37
CA ALA A 98 -9.43 -18.27 3.95
C ALA A 98 -9.69 -18.31 2.43
N ILE A 99 -8.64 -18.38 1.63
CA ILE A 99 -8.80 -18.39 0.20
C ILE A 99 -9.48 -19.67 -0.24
N VAL A 100 -8.99 -20.78 0.30
CA VAL A 100 -9.55 -22.08 -0.02
C VAL A 100 -11.01 -22.19 0.38
N ALA A 101 -11.31 -21.75 1.58
CA ALA A 101 -12.68 -21.73 2.09
C ALA A 101 -13.62 -20.93 1.21
N GLY A 102 -13.19 -19.74 0.78
CA GLY A 102 -13.98 -18.96 -0.13
C GLY A 102 -14.21 -19.57 -1.49
N LEU A 103 -13.20 -20.20 -2.05
CA LEU A 103 -13.31 -20.80 -3.35
C LEU A 103 -14.25 -22.04 -3.30
N LYS A 104 -14.18 -22.78 -2.22
CA LYS A 104 -15.12 -23.88 -1.98
C LYS A 104 -16.54 -23.36 -1.82
N GLU A 105 -16.72 -22.28 -1.08
CA GLU A 105 -18.06 -21.68 -0.89
C GLU A 105 -18.67 -21.23 -2.23
N SER A 106 -17.89 -20.53 -3.03
CA SER A 106 -18.33 -20.13 -4.37
C SER A 106 -18.63 -21.30 -5.33
N ALA A 107 -17.82 -22.34 -5.29
CA ALA A 107 -18.04 -23.53 -6.13
C ALA A 107 -19.34 -24.25 -5.71
N ALA A 108 -19.65 -24.31 -4.42
CA ALA A 108 -20.87 -24.99 -3.98
C ALA A 108 -22.16 -24.20 -4.29
N LYS A 109 -22.03 -22.88 -4.45
CA LYS A 109 -23.13 -22.04 -4.89
C LYS A 109 -23.32 -22.16 -6.43
N GLY A 110 -22.56 -23.03 -7.11
CA GLY A 110 -22.73 -23.34 -8.53
C GLY A 110 -21.81 -22.65 -9.58
N ASN A 111 -20.84 -21.89 -9.11
CA ASN A 111 -20.10 -20.97 -9.99
C ASN A 111 -18.85 -21.60 -10.56
N LYS A 112 -18.50 -21.20 -11.80
CA LYS A 112 -17.27 -21.58 -12.50
C LYS A 112 -16.39 -20.32 -12.51
N LEU A 113 -15.17 -20.43 -11.97
CA LEU A 113 -14.33 -19.26 -11.74
C LEU A 113 -13.02 -19.35 -12.46
N LYS A 114 -12.59 -18.17 -12.88
CA LYS A 114 -11.23 -17.90 -13.32
C LYS A 114 -10.50 -17.23 -12.16
N VAL A 115 -9.31 -17.70 -11.87
CA VAL A 115 -8.53 -17.24 -10.73
C VAL A 115 -7.08 -17.00 -11.11
N ARG A 116 -6.56 -15.80 -10.79
CA ARG A 116 -5.14 -15.51 -10.96
C ARG A 116 -4.51 -15.15 -9.63
N ILE A 117 -3.33 -15.64 -9.37
CA ILE A 117 -2.57 -15.35 -8.15
C ILE A 117 -1.14 -15.02 -8.56
N LEU A 118 -0.79 -13.74 -8.43
CA LEU A 118 0.54 -13.25 -8.88
C LEU A 118 1.32 -12.82 -7.71
N VAL A 119 2.58 -13.23 -7.66
CA VAL A 119 3.51 -12.77 -6.66
C VAL A 119 4.78 -12.18 -7.26
N GLY A 120 5.25 -11.16 -6.61
CA GLY A 120 6.59 -10.66 -6.82
C GLY A 120 7.67 -11.37 -6.01
N ALA A 121 8.83 -11.60 -6.64
CA ALA A 121 9.89 -12.39 -6.02
C ALA A 121 11.29 -11.90 -6.35
N ALA A 122 12.20 -12.07 -5.39
CA ALA A 122 13.65 -11.91 -5.61
C ALA A 122 14.23 -13.01 -6.51
N PRO A 123 15.27 -12.64 -7.29
CA PRO A 123 16.06 -13.64 -8.04
C PRO A 123 16.99 -14.42 -7.09
N VAL A 129 10.09 -23.91 -9.07
CA VAL A 129 9.28 -24.95 -8.45
C VAL A 129 8.19 -24.33 -7.54
N ILE A 130 8.45 -23.15 -6.99
CA ILE A 130 7.46 -22.53 -6.12
C ILE A 130 6.06 -22.39 -6.78
N PRO A 131 5.87 -21.67 -7.89
CA PRO A 131 4.51 -21.55 -8.43
C PRO A 131 3.80 -22.89 -8.68
N SER A 132 4.47 -23.87 -9.26
CA SER A 132 3.78 -25.15 -9.56
C SER A 132 3.42 -25.89 -8.29
N LYS A 133 4.28 -25.78 -7.27
CA LYS A 133 4.04 -26.34 -5.94
C LYS A 133 2.82 -25.70 -5.27
N TYR A 134 2.75 -24.36 -5.26
CA TYR A 134 1.56 -23.69 -4.73
C TYR A 134 0.30 -24.09 -5.48
N ARG A 135 0.34 -24.19 -6.81
CA ARG A 135 -0.82 -24.55 -7.59
C ARG A 135 -1.28 -25.95 -7.13
N ASP A 136 -0.31 -26.85 -7.02
CA ASP A 136 -0.57 -28.24 -6.56
C ASP A 136 -1.22 -28.36 -5.19
N GLU A 137 -0.79 -27.52 -4.25
CA GLU A 137 -1.23 -27.50 -2.88
C GLU A 137 -2.68 -26.98 -2.85
N LEU A 138 -2.92 -25.93 -3.64
CA LEU A 138 -4.25 -25.34 -3.68
C LEU A 138 -5.23 -26.30 -4.33
N THR A 139 -4.79 -26.99 -5.37
CA THR A 139 -5.67 -27.88 -6.13
C THR A 139 -6.07 -29.05 -5.20
N ALA A 140 -5.14 -29.50 -4.38
CA ALA A 140 -5.39 -30.62 -3.46
C ALA A 140 -6.39 -30.19 -2.42
N LYS A 141 -6.16 -29.02 -1.81
CA LYS A 141 -6.98 -28.56 -0.71
C LYS A 141 -8.40 -28.23 -1.21
N LEU A 142 -8.56 -27.98 -2.53
CA LEU A 142 -9.87 -27.64 -3.09
C LEU A 142 -10.77 -28.86 -3.28
N GLY A 143 -10.18 -30.04 -3.46
CA GLY A 143 -10.97 -31.24 -3.71
C GLY A 143 -11.78 -31.12 -4.97
N LYS A 144 -13.04 -31.56 -4.91
CA LYS A 144 -13.99 -31.50 -6.02
C LYS A 144 -14.19 -30.07 -6.54
N ALA A 145 -14.07 -29.07 -5.65
CA ALA A 145 -14.19 -27.65 -6.04
C ALA A 145 -13.23 -27.23 -7.19
N ALA A 146 -12.10 -27.90 -7.32
CA ALA A 146 -11.11 -27.55 -8.36
C ALA A 146 -11.59 -27.82 -9.79
N GLU A 147 -12.57 -28.71 -9.95
CA GLU A 147 -13.23 -28.95 -11.23
C GLU A 147 -13.90 -27.66 -11.78
N ASN A 148 -14.25 -26.72 -10.89
CA ASN A 148 -14.98 -25.48 -11.19
C ASN A 148 -14.02 -24.27 -11.34
N ILE A 149 -12.71 -24.47 -11.42
CA ILE A 149 -11.78 -23.35 -11.33
C ILE A 149 -10.69 -23.48 -12.37
N THR A 150 -10.46 -22.40 -13.12
CA THR A 150 -9.36 -22.29 -14.06
C THR A 150 -8.32 -21.42 -13.36
N LEU A 151 -7.17 -21.99 -13.01
CA LEU A 151 -6.18 -21.29 -12.18
C LEU A 151 -4.90 -20.90 -12.94
N ASN A 152 -4.41 -19.67 -12.67
CA ASN A 152 -3.08 -19.20 -13.11
C ASN A 152 -2.31 -18.78 -11.86
N VAL A 153 -1.08 -19.24 -11.73
CA VAL A 153 -0.23 -18.88 -10.60
C VAL A 153 1.15 -18.51 -11.14
N ALA A 154 1.68 -17.37 -10.74
CA ALA A 154 2.98 -16.94 -11.26
C ALA A 154 3.77 -16.11 -10.27
N SER A 155 5.10 -16.23 -10.34
CA SER A 155 6.03 -15.44 -9.60
C SER A 155 6.83 -14.67 -10.64
N MET A 156 7.14 -13.41 -10.33
CA MET A 156 7.72 -12.52 -11.34
C MET A 156 8.75 -11.55 -10.76
N THR A 157 9.72 -11.21 -11.60
CA THR A 157 10.70 -10.21 -11.32
C THR A 157 10.87 -9.38 -12.57
N THR A 158 10.77 -8.06 -12.48
CA THR A 158 10.80 -7.23 -13.68
C THR A 158 12.16 -6.60 -13.94
N SER A 159 12.92 -6.35 -12.88
CA SER A 159 14.31 -5.93 -12.99
C SER A 159 15.17 -6.42 -11.82
N LYS A 160 16.16 -7.25 -12.10
CA LYS A 160 17.10 -7.61 -11.03
C LYS A 160 17.96 -6.43 -10.58
N THR A 161 18.46 -5.64 -11.54
CA THR A 161 19.34 -4.51 -11.27
C THR A 161 18.65 -3.35 -10.51
N ALA A 162 17.37 -3.12 -10.80
CA ALA A 162 16.57 -2.10 -10.05
C ALA A 162 15.80 -2.68 -8.88
N PHE A 163 15.96 -3.97 -8.61
CA PHE A 163 15.28 -4.64 -7.50
C PHE A 163 13.75 -4.42 -7.64
N SER A 164 13.25 -4.69 -8.81
CA SER A 164 11.84 -4.40 -9.14
C SER A 164 11.03 -5.68 -9.37
N TRP A 165 9.92 -5.79 -8.62
CA TRP A 165 9.00 -6.92 -8.73
C TRP A 165 7.68 -6.57 -8.08
N ASN A 166 6.65 -7.40 -8.20
CA ASN A 166 5.34 -6.97 -7.61
C ASN A 166 5.41 -6.84 -6.10
N HIS A 167 4.80 -5.82 -5.51
CA HIS A 167 4.71 -5.64 -4.13
C HIS A 167 3.27 -5.22 -3.87
N SER A 168 2.40 -5.11 -4.88
CA SER A 168 0.99 -4.82 -4.59
C SER A 168 0.34 -6.00 -3.88
N LYS A 169 -0.70 -5.69 -3.07
CA LYS A 169 -1.40 -6.70 -2.25
C LYS A 169 -2.87 -6.42 -2.49
N ILE A 170 -3.46 -7.13 -3.41
CA ILE A 170 -4.80 -6.85 -3.90
C ILE A 170 -5.57 -8.16 -3.89
N LEU A 171 -6.85 -8.09 -3.52
CA LEU A 171 -7.81 -9.16 -3.72
C LEU A 171 -9.06 -8.56 -4.34
N VAL A 172 -9.30 -8.85 -5.63
CA VAL A 172 -10.43 -8.31 -6.37
C VAL A 172 -11.32 -9.48 -6.74
N VAL A 173 -12.59 -9.36 -6.48
CA VAL A 173 -13.59 -10.39 -6.83
C VAL A 173 -14.63 -9.81 -7.76
N ASP A 174 -14.83 -10.44 -8.93
CA ASP A 174 -15.79 -10.06 -9.97
C ASP A 174 -15.69 -8.61 -10.48
N GLY A 175 -14.54 -8.01 -10.23
CA GLY A 175 -14.35 -6.59 -10.48
C GLY A 175 -15.25 -5.69 -9.67
N GLN A 176 -15.91 -6.22 -8.64
CA GLN A 176 -16.94 -5.56 -7.87
C GLN A 176 -16.42 -5.17 -6.46
N SER A 177 -15.68 -6.08 -5.84
CA SER A 177 -15.13 -5.90 -4.51
C SER A 177 -13.60 -5.91 -4.55
N ALA A 178 -12.97 -5.12 -3.72
CA ALA A 178 -11.54 -5.08 -3.63
C ALA A 178 -11.05 -4.90 -2.23
N LEU A 179 -10.05 -5.68 -1.83
CA LEU A 179 -9.29 -5.47 -0.64
C LEU A 179 -7.87 -5.14 -1.04
N THR A 180 -7.32 -4.11 -0.43
CA THR A 180 -5.93 -3.75 -0.69
C THR A 180 -5.31 -3.05 0.46
N GLY A 181 -3.97 -3.08 0.51
CA GLY A 181 -3.25 -2.44 1.59
C GLY A 181 -1.85 -2.98 1.72
N GLY A 182 -1.37 -3.01 2.95
CA GLY A 182 0.02 -3.33 3.25
C GLY A 182 0.21 -4.79 3.66
N ILE A 183 -0.84 -5.54 3.88
CA ILE A 183 -0.78 -6.87 4.53
C ILE A 183 -0.32 -7.95 3.54
N ASN A 184 0.87 -8.49 3.83
CA ASN A 184 1.34 -9.71 3.14
C ASN A 184 0.73 -10.95 3.83
N SER A 185 0.51 -12.00 3.07
CA SER A 185 -0.22 -13.15 3.55
C SER A 185 0.74 -14.15 4.17
N TRP A 186 1.44 -13.68 5.20
CA TRP A 186 2.55 -14.38 5.89
C TRP A 186 2.18 -14.73 7.35
N LYS A 187 1.86 -16.00 7.57
CA LYS A 187 1.33 -16.47 8.86
C LYS A 187 2.31 -16.22 10.00
N ASP A 188 3.62 -16.32 9.74
CA ASP A 188 4.60 -16.17 10.85
C ASP A 188 4.72 -14.76 11.37
N ASP A 189 4.64 -13.76 10.47
CA ASP A 189 4.72 -12.38 10.86
C ASP A 189 3.40 -11.77 11.42
N TYR A 190 2.26 -12.25 10.94
CA TYR A 190 0.99 -11.56 11.20
C TYR A 190 0.10 -12.31 12.20
N LEU A 191 0.17 -13.64 12.19
CA LEU A 191 -0.86 -14.50 12.82
C LEU A 191 -0.32 -15.31 14.06
N ASP A 192 0.50 -16.30 13.77
CA ASP A 192 0.96 -17.29 14.77
C ASP A 192 2.22 -16.75 15.42
N THR A 193 2.01 -15.78 16.29
CA THR A 193 3.07 -15.04 16.92
C THR A 193 2.49 -14.18 18.00
N THR A 194 3.25 -13.96 19.08
CA THR A 194 2.81 -13.08 20.19
C THR A 194 3.34 -11.65 20.02
N HIS A 195 3.98 -11.40 18.87
CA HIS A 195 4.44 -10.04 18.51
C HIS A 195 4.02 -9.80 17.07
N PRO A 196 2.71 -9.82 16.82
CA PRO A 196 2.19 -9.64 15.45
C PRO A 196 2.51 -8.26 14.87
N VAL A 197 2.81 -8.24 13.56
CA VAL A 197 2.99 -7.00 12.79
C VAL A 197 1.66 -6.24 12.73
N SER A 198 1.75 -4.93 12.90
CA SER A 198 0.60 -4.02 12.82
C SER A 198 0.57 -3.42 11.42
N ASP A 199 -0.56 -3.63 10.76
CA ASP A 199 -0.73 -3.23 9.37
C ASP A 199 -2.20 -2.92 9.09
N VAL A 200 -2.50 -2.58 7.85
CA VAL A 200 -3.89 -2.26 7.49
C VAL A 200 -4.18 -2.42 6.00
N ASP A 201 -5.34 -2.99 5.73
CA ASP A 201 -5.96 -3.03 4.40
C ASP A 201 -7.30 -2.26 4.47
N LEU A 202 -7.83 -1.87 3.32
CA LEU A 202 -9.23 -1.45 3.25
C LEU A 202 -10.07 -2.37 2.38
N ALA A 203 -11.38 -2.40 2.61
CA ALA A 203 -12.33 -3.13 1.78
C ALA A 203 -13.29 -2.14 1.13
N LEU A 204 -13.44 -2.20 -0.18
CA LEU A 204 -14.42 -1.38 -0.90
C LEU A 204 -15.14 -2.18 -1.92
N THR A 205 -16.22 -1.58 -2.42
CA THR A 205 -16.89 -2.09 -3.61
C THR A 205 -17.19 -0.91 -4.52
N GLY A 206 -17.46 -1.22 -5.78
CA GLY A 206 -17.85 -0.26 -6.77
C GLY A 206 -16.84 -0.13 -7.90
N PRO A 207 -17.00 0.89 -8.71
CA PRO A 207 -16.14 1.08 -9.88
C PRO A 207 -14.63 1.02 -9.61
N ALA A 208 -14.19 1.47 -8.45
CA ALA A 208 -12.77 1.46 -8.03
C ALA A 208 -12.21 0.04 -7.94
N ALA A 209 -13.05 -0.97 -7.71
CA ALA A 209 -12.58 -2.37 -7.79
C ALA A 209 -12.25 -2.73 -9.22
N GLY A 210 -12.97 -2.17 -10.18
CA GLY A 210 -12.67 -2.31 -11.60
C GLY A 210 -11.31 -1.74 -11.93
N SER A 211 -10.97 -0.60 -11.33
CA SER A 211 -9.67 -0.01 -11.53
C SER A 211 -8.55 -0.98 -11.12
N ALA A 212 -8.74 -1.66 -10.01
CA ALA A 212 -7.78 -2.66 -9.53
C ALA A 212 -7.69 -3.82 -10.50
N GLY A 213 -8.81 -4.27 -11.00
CA GLY A 213 -8.80 -5.29 -12.06
C GLY A 213 -7.98 -4.89 -13.32
N ARG A 214 -8.10 -3.63 -13.73
CA ARG A 214 -7.37 -3.15 -14.89
C ARG A 214 -5.88 -3.02 -14.60
N TYR A 215 -5.50 -2.66 -13.36
CA TYR A 215 -4.10 -2.66 -12.93
C TYR A 215 -3.54 -4.09 -13.03
N LEU A 216 -4.29 -5.05 -12.51
CA LEU A 216 -3.80 -6.44 -12.56
C LEU A 216 -3.71 -6.95 -13.99
N ASP A 217 -4.62 -6.59 -14.87
CA ASP A 217 -4.47 -6.95 -16.31
C ASP A 217 -3.14 -6.36 -16.84
N THR A 218 -2.78 -5.18 -16.40
CA THR A 218 -1.53 -4.55 -16.85
C THR A 218 -0.37 -5.42 -16.45
N LEU A 219 -0.33 -5.84 -15.19
CA LEU A 219 0.73 -6.69 -14.72
C LEU A 219 0.75 -8.05 -15.37
N TRP A 220 -0.44 -8.68 -15.55
CA TRP A 220 -0.51 -10.02 -16.16
C TRP A 220 -0.21 -9.95 -17.65
N THR A 221 -0.53 -8.84 -18.33
CA THR A 221 -0.21 -8.69 -19.76
C THR A 221 1.31 -8.78 -19.91
N TRP A 222 2.05 -8.08 -19.06
CA TRP A 222 3.53 -8.21 -19.06
C TRP A 222 3.97 -9.64 -18.69
N THR A 223 3.34 -10.21 -17.68
CA THR A 223 3.75 -11.51 -17.16
C THR A 223 3.57 -12.61 -18.24
N CYS A 224 2.43 -12.59 -18.91
CA CYS A 224 2.13 -13.59 -19.96
C CYS A 224 3.10 -13.43 -21.14
N GLN A 225 3.44 -12.21 -21.47
CA GLN A 225 4.44 -11.92 -22.53
C GLN A 225 5.82 -12.47 -22.19
N ASN A 226 6.16 -12.54 -20.92
CA ASN A 226 7.51 -12.85 -20.53
C ASN A 226 7.59 -14.22 -19.88
N LYS A 227 6.57 -15.04 -20.13
CA LYS A 227 6.40 -16.29 -19.37
C LYS A 227 7.45 -17.33 -19.80
N SER A 228 8.00 -17.18 -21.00
CA SER A 228 9.03 -18.10 -21.53
C SER A 228 10.45 -17.62 -21.22
N ASN A 229 10.58 -16.50 -20.50
CA ASN A 229 11.86 -15.98 -20.00
C ASN A 229 11.98 -16.39 -18.52
N ILE A 230 12.82 -17.39 -18.26
CA ILE A 230 12.96 -17.96 -16.93
C ILE A 230 13.69 -17.03 -15.91
N ALA A 231 14.43 -16.02 -16.37
CA ALA A 231 14.99 -14.98 -15.47
C ALA A 231 13.88 -14.05 -14.90
N SER A 232 12.75 -14.01 -15.59
CA SER A 232 11.64 -13.06 -15.35
C SER A 232 10.39 -13.67 -14.69
N VAL A 233 9.99 -14.87 -15.10
CA VAL A 233 8.65 -15.36 -14.80
C VAL A 233 8.67 -16.88 -14.60
N TRP A 234 8.01 -17.35 -13.55
CA TRP A 234 7.73 -18.78 -13.36
C TRP A 234 6.20 -18.93 -13.31
N PHE A 235 5.61 -19.60 -14.31
CA PHE A 235 4.15 -19.70 -14.48
C PHE A 235 3.64 -21.13 -14.31
N ALA A 236 2.48 -21.31 -13.69
CA ALA A 236 1.88 -22.64 -13.57
C ALA A 236 0.38 -22.49 -13.70
N ALA A 237 -0.30 -23.35 -14.49
CA ALA A 237 -1.76 -23.27 -14.68
C ALA A 237 -2.43 -24.60 -14.37
N SER A 238 -3.74 -24.58 -14.10
CA SER A 238 -4.49 -25.84 -13.93
C SER A 238 -4.70 -26.48 -15.31
N GLY A 239 -4.70 -27.81 -15.36
CA GLY A 239 -4.86 -28.55 -16.61
C GLY A 239 -4.23 -28.01 -17.90
N ASN A 240 -5.07 -27.75 -18.90
CA ASN A 240 -4.62 -27.34 -20.23
C ASN A 240 -4.78 -25.82 -20.39
N ALA A 241 -4.98 -25.12 -19.28
CA ALA A 241 -5.28 -23.70 -19.33
C ALA A 241 -4.05 -22.87 -19.73
N GLY A 242 -4.29 -21.89 -20.60
CA GLY A 242 -3.26 -20.91 -20.97
C GLY A 242 -3.18 -19.77 -19.96
N CYS A 243 -2.28 -18.81 -20.22
CA CYS A 243 -2.11 -17.59 -19.39
C CYS A 243 -3.23 -16.65 -19.74
N MET A 244 -3.70 -15.88 -18.74
CA MET A 244 -4.85 -15.04 -18.95
C MET A 244 -4.43 -13.58 -18.73
N PRO A 245 -3.88 -12.91 -19.74
CA PRO A 245 -3.37 -11.56 -19.53
C PRO A 245 -4.47 -10.54 -19.26
N THR A 246 -5.66 -10.81 -19.74
CA THR A 246 -6.73 -9.84 -19.69
C THR A 246 -8.03 -10.42 -19.09
N MET A 247 -7.93 -11.29 -18.10
CA MET A 247 -9.11 -11.88 -17.46
C MET A 247 -10.12 -10.85 -17.05
N HIS A 248 -9.63 -9.77 -16.44
CA HIS A 248 -10.54 -8.72 -16.03
C HIS A 248 -11.33 -8.13 -17.17
N LYS A 249 -10.64 -7.58 -18.18
CA LYS A 249 -11.32 -7.00 -19.30
C LYS A 249 -12.25 -8.01 -20.01
N ASP A 250 -11.79 -9.25 -20.13
CA ASP A 250 -12.55 -10.27 -20.87
C ASP A 250 -13.78 -10.79 -20.10
N THR A 251 -13.81 -10.64 -18.78
CA THR A 251 -14.81 -11.38 -17.97
C THR A 251 -15.78 -10.43 -17.22
N ASN A 252 -15.31 -9.27 -16.81
CA ASN A 252 -16.11 -8.32 -16.03
C ASN A 252 -16.50 -7.07 -16.83
N PRO A 253 -17.57 -6.37 -16.45
CA PRO A 253 -18.02 -5.14 -17.12
C PRO A 253 -16.95 -4.06 -17.12
N LYS A 254 -16.78 -3.36 -18.23
CA LYS A 254 -15.84 -2.24 -18.31
C LYS A 254 -16.06 -1.23 -17.21
N ALA A 255 -17.29 -0.89 -16.90
CA ALA A 255 -17.52 -0.09 -15.68
C ALA A 255 -18.33 -0.95 -14.66
N SER A 256 -17.74 -1.17 -13.49
CA SER A 256 -18.39 -1.96 -12.47
C SER A 256 -19.64 -1.26 -12.01
N PRO A 257 -20.61 -1.98 -11.43
CA PRO A 257 -21.81 -1.33 -10.90
C PRO A 257 -21.49 -0.37 -9.75
N ALA A 258 -22.27 0.69 -9.62
CA ALA A 258 -22.19 1.57 -8.48
C ALA A 258 -22.81 1.00 -7.21
N THR A 259 -22.23 1.35 -6.08
CA THR A 259 -22.59 0.76 -4.78
C THR A 259 -22.81 1.78 -3.66
N GLY A 260 -22.42 3.03 -3.91
CA GLY A 260 -22.49 4.08 -2.93
C GLY A 260 -22.17 5.43 -3.53
N ASN A 261 -21.66 6.34 -2.71
CA ASN A 261 -21.40 7.68 -3.23
C ASN A 261 -19.97 8.18 -2.95
N VAL A 262 -19.03 7.24 -2.82
CA VAL A 262 -17.68 7.59 -2.38
C VAL A 262 -16.79 7.81 -3.60
N PRO A 263 -16.15 8.98 -3.69
CA PRO A 263 -15.16 9.21 -4.73
C PRO A 263 -13.77 8.66 -4.41
N VAL A 264 -13.07 8.11 -5.41
CA VAL A 264 -11.83 7.43 -5.14
C VAL A 264 -10.87 7.63 -6.31
N ILE A 265 -9.60 7.77 -6.01
CA ILE A 265 -8.55 7.64 -7.03
C ILE A 265 -7.75 6.39 -6.75
N ALA A 266 -7.84 5.44 -7.69
CA ALA A 266 -6.94 4.29 -7.75
C ALA A 266 -5.60 4.71 -8.36
N VAL A 267 -4.50 4.30 -7.76
CA VAL A 267 -3.21 4.65 -8.34
C VAL A 267 -2.17 3.62 -7.97
N GLY A 268 -1.42 3.26 -9.01
CA GLY A 268 -0.31 2.34 -8.88
C GLY A 268 0.93 2.82 -9.60
N GLY A 269 1.85 1.87 -9.75
CA GLY A 269 3.06 2.09 -10.51
C GLY A 269 3.55 0.82 -11.14
N LEU A 270 4.36 1.00 -12.18
CA LEU A 270 4.89 -0.12 -12.95
C LEU A 270 6.33 -0.42 -12.64
N GLY A 271 6.94 0.24 -11.63
CA GLY A 271 8.29 -0.08 -11.18
C GLY A 271 9.27 0.19 -12.33
N VAL A 272 10.12 -0.82 -12.57
CA VAL A 272 11.15 -0.73 -13.62
C VAL A 272 11.17 -2.08 -14.33
N GLY A 273 11.19 -2.02 -15.66
CA GLY A 273 11.28 -3.21 -16.50
C GLY A 273 10.02 -3.69 -17.20
N ILE A 274 8.87 -3.08 -16.91
CA ILE A 274 7.67 -3.31 -17.69
C ILE A 274 7.50 -2.32 -18.83
N LYS A 275 7.56 -1.04 -18.52
CA LYS A 275 7.43 0.04 -19.49
C LYS A 275 8.41 1.18 -19.04
N ASP A 276 9.23 1.70 -19.95
CA ASP A 276 10.27 2.72 -19.62
C ASP A 276 9.75 4.16 -19.47
N VAL A 277 8.67 4.48 -20.17
CA VAL A 277 8.11 5.84 -20.16
C VAL A 277 6.66 5.81 -20.65
N ASP A 278 5.83 6.77 -20.23
CA ASP A 278 4.52 7.04 -20.84
C ASP A 278 4.76 7.96 -22.07
N PRO A 279 4.68 7.42 -23.28
CA PRO A 279 4.93 8.25 -24.50
C PRO A 279 4.02 9.44 -24.66
N LYS A 280 2.85 9.37 -24.09
CA LYS A 280 1.91 10.48 -24.14
C LYS A 280 2.24 11.61 -23.16
N SER A 281 3.13 11.39 -22.18
CA SER A 281 3.33 12.35 -21.13
C SER A 281 4.24 13.48 -21.63
N THR A 282 3.81 14.70 -21.28
CA THR A 282 4.65 15.92 -21.50
C THR A 282 5.07 16.59 -20.20
N PHE A 283 5.03 15.81 -19.11
CA PHE A 283 5.47 16.18 -17.80
C PHE A 283 6.92 16.69 -17.83
N ARG A 284 7.14 17.82 -17.22
CA ARG A 284 8.44 18.50 -17.15
C ARG A 284 8.64 18.94 -15.70
N PRO A 285 9.19 18.04 -14.90
CA PRO A 285 9.30 18.32 -13.47
C PRO A 285 10.46 19.27 -13.18
N ASP A 286 10.32 20.11 -12.18
CA ASP A 286 11.41 20.86 -11.59
C ASP A 286 12.00 19.98 -10.49
N LEU A 287 13.15 19.39 -10.75
CA LEU A 287 13.67 18.38 -9.85
C LEU A 287 14.51 19.09 -8.83
N PRO A 288 14.30 18.66 -7.40
CA PRO A 288 15.11 19.39 -6.44
C PRO A 288 16.56 18.85 -6.44
N THR A 289 17.35 19.53 -5.64
CA THR A 289 18.78 19.35 -5.52
C THR A 289 18.99 18.58 -4.25
N ALA A 290 19.90 17.63 -4.36
CA ALA A 290 19.86 16.45 -3.57
C ALA A 290 20.67 16.64 -2.32
N SER A 291 21.94 16.21 -2.34
CA SER A 291 22.95 16.48 -1.29
C SER A 291 23.48 15.20 -0.55
N ASP A 292 22.57 14.55 0.17
CA ASP A 292 22.87 13.47 1.07
C ASP A 292 21.79 12.37 0.95
N THR A 293 21.14 12.27 -0.20
CA THR A 293 20.22 11.15 -0.40
C THR A 293 20.96 10.01 -1.09
N LYS A 294 21.80 10.33 -2.07
CA LYS A 294 22.49 9.31 -2.86
C LYS A 294 23.83 9.05 -2.22
N CYS A 295 23.82 8.08 -1.31
CA CYS A 295 24.96 7.73 -0.44
C CYS A 295 26.16 7.35 -1.26
N VAL A 296 25.90 6.72 -2.40
CA VAL A 296 26.96 6.38 -3.34
C VAL A 296 26.70 7.11 -4.64
N VAL A 297 28.44 7.23 -5.64
CA VAL A 297 28.13 8.19 -6.69
C VAL A 297 27.49 7.54 -7.90
N GLY A 298 27.78 6.26 -8.11
CA GLY A 298 27.45 5.59 -9.37
C GLY A 298 25.99 5.18 -9.54
N LEU A 299 25.24 5.23 -8.45
CA LEU A 299 23.86 4.76 -8.40
C LEU A 299 22.91 5.67 -9.19
N HIS A 300 22.12 5.06 -10.05
CA HIS A 300 21.05 5.76 -10.76
C HIS A 300 19.79 5.89 -9.89
N ASP A 301 19.33 7.11 -9.67
CA ASP A 301 18.31 7.38 -8.66
C ASP A 301 16.96 7.61 -9.36
N ASN A 302 16.16 6.54 -9.43
CA ASN A 302 14.86 6.64 -10.09
C ASN A 302 13.89 7.49 -9.29
N THR A 303 14.05 7.55 -7.98
CA THR A 303 13.11 8.32 -7.15
C THR A 303 13.19 9.82 -7.36
N ASN A 304 14.42 10.33 -7.44
CA ASN A 304 14.71 11.73 -7.44
C ASN A 304 15.24 12.34 -8.72
N ALA A 305 15.72 11.51 -9.64
CA ALA A 305 16.41 11.97 -10.82
C ALA A 305 16.09 11.16 -12.05
N ASP A 306 14.81 10.80 -12.27
CA ASP A 306 14.48 10.08 -13.52
C ASP A 306 13.04 10.46 -13.87
N ARG A 307 12.93 11.45 -14.73
CA ARG A 307 11.61 11.94 -15.15
C ARG A 307 10.77 10.82 -15.78
N ASP A 308 11.38 10.02 -16.62
CA ASP A 308 10.59 9.01 -17.32
C ASP A 308 10.02 8.02 -16.31
N TYR A 309 10.77 7.70 -15.27
CA TYR A 309 10.32 6.80 -14.19
C TYR A 309 9.04 7.32 -13.52
N ASP A 310 9.02 8.62 -13.26
CA ASP A 310 7.79 9.21 -12.71
C ASP A 310 6.57 8.96 -13.57
N THR A 311 6.73 9.05 -14.87
CA THR A 311 5.60 8.93 -15.77
C THR A 311 4.99 7.52 -15.78
N VAL A 312 5.75 6.50 -15.42
CA VAL A 312 5.22 5.15 -15.32
C VAL A 312 4.99 4.70 -13.87
N ASN A 313 5.14 5.67 -12.94
CA ASN A 313 4.97 5.43 -11.50
C ASN A 313 4.16 6.60 -10.89
N PRO A 314 2.94 6.80 -11.40
CA PRO A 314 2.10 7.89 -10.92
C PRO A 314 1.85 7.92 -9.40
N GLU A 315 1.87 6.75 -8.75
CA GLU A 315 1.67 6.72 -7.29
C GLU A 315 2.67 7.62 -6.50
N GLU A 316 3.94 7.75 -6.92
CA GLU A 316 4.92 8.59 -6.21
C GLU A 316 4.40 10.04 -6.23
N SER A 317 4.07 10.51 -7.42
CA SER A 317 3.47 11.83 -7.60
C SER A 317 2.16 12.00 -6.86
N ALA A 318 1.29 10.99 -6.92
CA ALA A 318 0.00 11.02 -6.21
C ALA A 318 0.15 11.27 -4.70
N LEU A 319 1.12 10.58 -4.06
CA LEU A 319 1.34 10.69 -2.61
C LEU A 319 1.90 12.05 -2.27
N ARG A 320 2.78 12.57 -3.12
CA ARG A 320 3.36 13.92 -2.90
C ARG A 320 2.26 14.99 -3.11
N ALA A 321 1.36 14.81 -4.07
CA ALA A 321 0.19 15.70 -4.24
C ALA A 321 -0.80 15.62 -3.10
N LEU A 322 -0.99 14.43 -2.52
CA LEU A 322 -1.93 14.28 -1.39
C LEU A 322 -1.44 15.11 -0.19
N VAL A 323 -0.14 14.98 0.11
CA VAL A 323 0.52 15.83 1.12
C VAL A 323 0.33 17.30 0.83
N ALA A 324 0.58 17.70 -0.42
CA ALA A 324 0.51 19.11 -0.88
C ALA A 324 -0.90 19.71 -0.82
N SER A 325 -1.92 18.87 -0.75
CA SER A 325 -3.33 19.27 -0.70
C SER A 325 -3.82 19.63 0.72
N ALA A 326 -3.05 19.38 1.77
CA ALA A 326 -3.56 19.43 3.14
C ALA A 326 -3.68 20.88 3.58
N LYS A 327 -4.79 21.24 4.23
CA LYS A 327 -4.94 22.60 4.74
C LYS A 327 -4.67 22.70 6.23
N GLY A 328 -4.81 21.60 6.97
CA GLY A 328 -4.79 21.64 8.42
C GLY A 328 -3.83 20.67 9.07
N HIS A 329 -3.85 19.43 8.65
CA HIS A 329 -3.02 18.41 9.30
C HIS A 329 -2.90 17.17 8.43
N ILE A 330 -1.82 16.46 8.66
CA ILE A 330 -1.40 15.28 7.87
C ILE A 330 -0.95 14.25 8.88
N GLU A 331 -1.41 13.01 8.80
CA GLU A 331 -0.89 11.95 9.60
C GLU A 331 -0.34 10.87 8.66
N ILE A 332 0.85 10.39 8.96
CA ILE A 332 1.56 9.43 8.11
C ILE A 332 1.94 8.25 9.02
N SER A 333 1.60 7.02 8.65
CA SER A 333 1.98 5.88 9.47
C SER A 333 2.59 4.93 8.46
N GLN A 334 3.85 4.65 8.71
CA GLN A 334 4.66 3.90 7.77
C GLN A 334 5.54 2.92 8.54
N GLN A 335 6.11 1.99 7.79
CA GLN A 335 7.28 1.28 8.34
C GLN A 335 8.48 2.19 8.48
N ASP A 336 8.75 3.02 7.45
CA ASP A 336 9.89 3.89 7.36
C ASP A 336 9.57 5.01 6.39
N LEU A 337 10.21 6.14 6.59
CA LEU A 337 10.29 7.17 5.58
C LEU A 337 11.58 7.09 4.75
N ASN A 338 12.61 6.43 5.29
CA ASN A 338 13.90 6.33 4.63
C ASN A 338 14.23 4.89 4.27
N ALA A 339 15.00 4.74 3.21
CA ALA A 339 15.37 3.42 2.69
C ALA A 339 16.83 3.13 2.99
N THR A 340 17.24 1.88 2.76
CA THR A 340 18.64 1.49 3.01
C THR A 340 19.46 1.77 1.76
N CYS A 341 20.53 2.54 1.90
CA CYS A 341 21.35 2.90 0.79
C CYS A 341 22.75 2.29 1.02
N PRO A 342 23.32 1.63 0.02
CA PRO A 342 22.66 1.29 -1.24
C PRO A 342 21.72 0.06 -1.03
N PRO A 343 20.97 -0.37 -2.05
CA PRO A 343 20.94 0.16 -3.42
C PRO A 343 19.95 1.27 -3.72
N LEU A 344 19.16 1.68 -2.74
CA LEU A 344 18.21 2.76 -2.99
C LEU A 344 18.76 4.07 -2.40
N PRO A 345 18.28 5.23 -2.87
CA PRO A 345 18.61 6.49 -2.21
C PRO A 345 17.91 6.51 -0.86
N ARG A 346 18.47 7.32 0.03
CA ARG A 346 17.99 7.38 1.43
C ARG A 346 16.57 7.88 1.56
N TYR A 347 16.20 8.89 0.79
CA TYR A 347 14.85 9.47 0.90
C TYR A 347 14.37 10.14 -0.37
N ASP A 348 13.06 10.35 -0.43
CA ASP A 348 12.38 11.02 -1.54
C ASP A 348 12.49 12.53 -1.26
N ILE A 349 13.32 13.24 -2.04
CA ILE A 349 13.56 14.67 -1.77
C ILE A 349 12.30 15.49 -1.90
N ARG A 350 11.56 15.30 -2.99
CA ARG A 350 10.27 15.98 -3.18
C ARG A 350 9.27 15.74 -2.08
N LEU A 351 9.20 14.54 -1.50
CA LEU A 351 8.26 14.28 -0.41
C LEU A 351 8.66 15.11 0.82
N TYR A 352 9.92 15.04 1.18
CA TYR A 352 10.39 15.81 2.35
C TYR A 352 10.21 17.31 2.15
N ASP A 353 10.40 17.77 0.93
CA ASP A 353 10.16 19.17 0.55
C ASP A 353 8.68 19.57 0.67
N ALA A 354 7.78 18.66 0.27
CA ALA A 354 6.38 18.92 0.44
C ALA A 354 5.97 18.96 1.89
N LEU A 355 6.51 18.09 2.71
CA LEU A 355 6.20 18.13 4.14
C LEU A 355 6.74 19.43 4.80
N ALA A 356 7.94 19.80 4.41
CA ALA A 356 8.57 21.06 4.91
C ALA A 356 7.72 22.25 4.54
N ALA A 357 7.28 22.30 3.27
CA ALA A 357 6.47 23.43 2.77
C ALA A 357 5.21 23.55 3.59
N LYS A 358 4.61 22.41 3.95
CA LYS A 358 3.45 22.37 4.80
C LYS A 358 3.73 22.88 6.20
N MET A 359 4.80 22.43 6.82
CA MET A 359 5.13 22.91 8.19
C MET A 359 5.47 24.40 8.21
N ALA A 360 6.11 24.88 7.17
CA ALA A 360 6.47 26.30 7.09
C ALA A 360 5.22 27.17 7.03
N ALA A 361 4.09 26.57 6.65
CA ALA A 361 2.81 27.27 6.52
C ALA A 361 1.84 26.93 7.68
N GLY A 362 2.38 26.30 8.71
CA GLY A 362 1.70 25.98 9.93
C GLY A 362 0.69 24.86 9.87
N VAL A 363 0.79 24.03 8.83
CA VAL A 363 0.04 22.78 8.75
C VAL A 363 0.77 21.69 9.55
N LYS A 364 0.05 20.96 10.40
CA LYS A 364 0.69 20.11 11.39
C LYS A 364 0.97 18.74 10.68
N VAL A 365 2.08 18.12 11.03
CA VAL A 365 2.51 16.88 10.39
C VAL A 365 2.83 15.87 11.47
N ARG A 366 2.23 14.68 11.39
CA ARG A 366 2.57 13.60 12.32
C ARG A 366 3.17 12.48 11.49
N ILE A 367 4.30 11.99 11.96
CA ILE A 367 4.91 10.82 11.32
C ILE A 367 5.15 9.79 12.44
N VAL A 368 4.61 8.59 12.29
CA VAL A 368 4.85 7.46 13.16
C VAL A 368 5.45 6.34 12.31
N VAL A 369 6.60 5.85 12.74
CA VAL A 369 7.31 4.79 12.03
C VAL A 369 7.60 3.62 12.97
N SER A 370 8.16 2.57 12.39
CA SER A 370 8.47 1.35 13.13
C SER A 370 9.73 1.60 13.99
N ASP A 371 9.78 1.01 15.20
CA ASP A 371 10.85 1.10 16.18
C ASP A 371 12.13 0.61 15.52
N PRO A 372 13.20 1.41 15.49
CA PRO A 372 14.50 0.94 14.99
C PRO A 372 15.03 -0.32 15.67
N ALA A 373 14.56 -0.64 16.86
CA ALA A 373 14.90 -1.95 17.51
C ALA A 373 14.53 -3.15 16.67
N ASN A 374 13.56 -3.00 15.77
CA ASN A 374 13.32 -4.00 14.71
C ASN A 374 14.44 -4.25 13.67
N ARG A 375 15.38 -3.32 13.53
CA ARG A 375 16.42 -3.44 12.50
C ARG A 375 17.48 -4.44 12.93
N GLY A 382 14.33 -6.50 9.46
CA GLY A 382 13.43 -6.36 8.34
C GLY A 382 12.52 -5.12 8.53
N TYR A 383 11.85 -4.98 9.67
CA TYR A 383 10.82 -3.90 9.83
C TYR A 383 11.28 -2.53 10.35
N SER A 384 12.50 -2.12 9.99
CA SER A 384 13.00 -0.77 10.16
C SER A 384 14.27 -0.63 9.30
N GLN A 385 14.50 0.57 8.80
CA GLN A 385 15.67 0.89 8.02
C GLN A 385 16.44 2.09 8.55
N ILE A 386 16.10 2.53 9.75
CA ILE A 386 16.85 3.61 10.39
C ILE A 386 17.32 3.19 11.78
N LYS A 387 18.32 3.92 12.25
CA LYS A 387 18.86 3.69 13.59
C LYS A 387 18.23 4.56 14.60
N SER A 388 17.77 5.74 14.18
CA SER A 388 17.23 6.75 15.08
C SER A 388 16.25 7.62 14.30
N LEU A 389 15.25 8.12 15.01
CA LEU A 389 14.30 9.13 14.48
C LEU A 389 15.01 10.42 14.06
N SER A 390 16.19 10.70 14.60
CA SER A 390 16.96 11.81 14.13
C SER A 390 17.25 11.78 12.60
N GLU A 391 17.25 10.60 11.97
CA GLU A 391 17.48 10.50 10.55
C GLU A 391 16.32 11.04 9.70
N ILE A 392 15.14 11.15 10.33
CA ILE A 392 13.95 11.79 9.72
C ILE A 392 13.91 13.26 10.13
N SER A 393 14.05 13.54 11.42
CA SER A 393 14.02 14.97 11.83
C SER A 393 15.14 15.86 11.29
N ASP A 394 16.38 15.35 11.23
CA ASP A 394 17.49 16.08 10.61
C ASP A 394 17.21 16.47 9.15
N THR A 395 16.66 15.50 8.40
CA THR A 395 16.37 15.68 7.01
C THR A 395 15.28 16.70 6.82
N LEU A 396 14.20 16.57 7.61
CA LEU A 396 13.11 17.57 7.54
C LEU A 396 13.65 18.96 7.85
N ARG A 397 14.50 19.08 8.87
CA ARG A 397 15.06 20.37 9.26
C ARG A 397 15.89 20.96 8.16
N ASN A 398 16.77 20.18 7.54
CA ASN A 398 17.56 20.66 6.44
C ASN A 398 16.77 21.14 5.23
N ARG A 399 15.66 20.48 4.92
CA ARG A 399 14.83 20.92 3.81
C ARG A 399 14.06 22.19 4.23
N LEU A 400 13.67 22.28 5.49
CA LEU A 400 12.94 23.45 5.99
C LEU A 400 13.88 24.66 5.91
N ALA A 401 15.16 24.42 6.13
CA ALA A 401 16.17 25.50 6.13
C ALA A 401 16.22 26.23 4.79
N ASN A 402 16.00 25.50 3.68
CA ASN A 402 15.98 26.09 2.38
C ASN A 402 14.87 27.13 2.21
N ILE A 403 13.78 27.01 2.97
CA ILE A 403 12.60 27.90 2.80
C ILE A 403 12.22 28.75 4.02
N THR A 404 13.01 28.64 5.10
CA THR A 404 12.82 29.49 6.26
C THR A 404 14.03 30.38 6.50
N GLY A 405 15.08 30.26 5.69
CA GLY A 405 16.23 31.14 5.74
C GLY A 405 17.38 30.70 6.63
N GLY A 406 17.27 29.54 7.28
CA GLY A 406 18.38 28.95 7.98
C GLY A 406 17.99 27.87 8.98
N GLN A 407 19.01 27.30 9.60
CA GLN A 407 18.86 26.21 10.55
C GLN A 407 18.08 26.51 11.85
N GLN A 408 18.25 27.71 12.44
CA GLN A 408 17.52 28.04 13.69
C GLN A 408 16.00 28.14 13.39
N ALA A 409 15.66 28.84 12.32
CA ALA A 409 14.26 29.11 11.89
C ALA A 409 13.49 27.88 11.34
N ALA A 410 14.53 26.87 10.91
CA ALA A 410 14.03 25.58 10.46
C ALA A 410 13.68 24.76 11.67
N LYS A 411 14.50 24.79 12.72
CA LYS A 411 14.25 24.00 13.90
C LYS A 411 12.98 24.46 14.60
N THR A 412 12.79 25.77 14.67
CA THR A 412 11.62 26.34 15.28
C THR A 412 10.29 25.92 14.55
N ALA A 413 10.30 25.97 13.22
CA ALA A 413 9.14 25.58 12.38
C ALA A 413 8.84 24.12 12.58
N MET A 414 9.90 23.32 12.70
CA MET A 414 9.72 21.89 12.86
C MET A 414 9.14 21.60 14.25
N CYS A 415 9.72 22.17 15.30
CA CYS A 415 9.24 21.93 16.66
C CYS A 415 7.82 22.47 16.93
N SER A 416 7.42 23.50 16.17
CA SER A 416 6.11 24.09 16.30
C SER A 416 5.02 23.32 15.51
N ASN A 417 5.45 22.46 14.57
CA ASN A 417 4.48 21.82 13.66
C ASN A 417 4.62 20.30 13.43
N LEU A 418 5.55 19.65 14.12
CA LEU A 418 5.79 18.20 13.94
C LEU A 418 5.45 17.33 15.16
N GLN A 419 4.90 16.14 14.93
CA GLN A 419 4.87 15.03 15.88
C GLN A 419 5.61 13.88 15.20
N LEU A 420 6.69 13.42 15.83
CA LEU A 420 7.55 12.37 15.30
C LEU A 420 7.82 11.32 16.37
N ALA A 421 7.48 10.07 16.08
CA ALA A 421 7.51 8.97 17.09
C ALA A 421 7.64 7.60 16.47
N THR A 422 7.97 6.61 17.28
CA THR A 422 7.91 5.22 16.86
C THR A 422 6.66 4.54 17.45
N PHE A 423 6.22 3.48 16.82
CA PHE A 423 4.92 2.91 17.10
C PHE A 423 4.86 2.03 18.34
N ARG A 424 3.80 2.23 19.12
CA ARG A 424 3.34 1.23 20.09
C ARG A 424 1.83 1.07 20.03
N SER A 425 1.34 -0.09 20.44
CA SER A 425 -0.09 -0.32 20.48
C SER A 425 -0.63 -0.55 21.90
N SER A 426 0.24 -0.43 22.91
CA SER A 426 -0.20 -0.57 24.32
C SER A 426 0.76 0.26 25.18
N PRO A 427 0.46 0.44 26.48
CA PRO A 427 1.35 1.22 27.35
C PRO A 427 2.81 0.72 27.42
N ASN A 428 3.01 -0.57 27.19
CA ASN A 428 4.34 -1.20 27.20
C ASN A 428 5.22 -0.75 26.05
N GLY A 429 6.50 -0.49 26.31
CA GLY A 429 7.43 -0.09 25.25
C GLY A 429 7.69 -1.14 24.21
N LYS A 430 7.40 -2.40 24.55
CA LYS A 430 7.48 -3.55 23.61
C LYS A 430 6.31 -4.49 23.81
N TRP A 431 6.18 -5.52 22.99
CA TRP A 431 5.20 -6.54 23.26
C TRP A 431 5.60 -7.23 24.56
N ALA A 432 4.65 -7.85 25.21
CA ALA A 432 4.89 -8.55 26.49
C ALA A 432 5.91 -9.67 26.26
N ASP A 433 5.89 -10.32 25.10
CA ASP A 433 6.91 -11.33 24.83
C ASP A 433 8.33 -10.79 24.62
N GLY A 434 8.52 -9.47 24.80
CA GLY A 434 9.83 -8.86 24.71
C GLY A 434 10.27 -8.31 23.35
N HIS A 435 9.56 -8.70 22.27
CA HIS A 435 9.87 -8.32 20.88
C HIS A 435 9.30 -6.92 20.61
N PRO A 436 10.03 -6.07 19.90
CA PRO A 436 9.51 -4.71 19.58
C PRO A 436 8.25 -4.81 18.76
N TYR A 437 7.40 -3.79 18.83
CA TYR A 437 6.31 -3.63 17.85
C TYR A 437 6.89 -3.32 16.49
N ALA A 438 6.44 -4.08 15.49
CA ALA A 438 6.75 -3.82 14.10
C ALA A 438 5.49 -3.21 13.49
N GLN A 439 5.64 -2.13 12.72
CA GLN A 439 4.53 -1.59 11.97
C GLN A 439 4.87 -1.63 10.48
N HIS A 440 3.84 -1.79 9.66
CA HIS A 440 4.03 -2.03 8.22
C HIS A 440 2.97 -1.27 7.39
N HIS A 441 2.12 -0.44 8.02
CA HIS A 441 1.16 0.40 7.27
C HIS A 441 1.83 1.19 6.18
N LYS A 442 1.03 1.48 5.15
CA LYS A 442 1.35 2.50 4.14
C LYS A 442 0.14 3.40 4.06
N LEU A 443 0.10 4.31 5.02
CA LEU A 443 -1.11 5.07 5.33
C LEU A 443 -0.76 6.55 5.33
N VAL A 444 -1.58 7.37 4.67
CA VAL A 444 -1.46 8.83 4.76
C VAL A 444 -2.90 9.36 4.85
N SER A 445 -3.20 10.19 5.85
CA SER A 445 -4.53 10.80 5.91
C SER A 445 -4.29 12.34 6.05
N VAL A 446 -5.13 13.15 5.39
CA VAL A 446 -5.06 14.60 5.56
C VAL A 446 -6.45 15.15 5.88
N ASP A 447 -6.46 16.11 6.80
CA ASP A 447 -7.66 16.89 7.05
C ASP A 447 -8.89 16.19 7.59
N SER A 448 -8.70 15.03 8.18
CA SER A 448 -9.80 14.15 8.56
C SER A 448 -10.80 14.06 7.42
N SER A 449 -10.27 13.87 6.19
CA SER A 449 -11.02 14.03 4.94
C SER A 449 -10.63 13.00 3.89
N THR A 450 -9.34 12.95 3.58
CA THR A 450 -8.85 12.23 2.42
C THR A 450 -7.61 11.39 2.80
N PHE A 451 -7.63 10.12 2.39
CA PHE A 451 -6.62 9.20 2.87
C PHE A 451 -6.19 8.19 1.80
N TYR A 452 -4.91 7.82 1.88
CA TYR A 452 -4.34 6.69 1.12
C TYR A 452 -4.15 5.46 1.98
N ILE A 453 -4.66 4.32 1.52
CA ILE A 453 -4.31 3.01 2.05
C ILE A 453 -3.93 2.15 0.84
N GLY A 454 -2.77 1.52 0.94
CA GLY A 454 -2.29 0.74 -0.17
C GLY A 454 -1.00 0.03 0.20
N SER A 455 -0.21 -0.34 -0.82
CA SER A 455 1.08 -1.00 -0.67
C SER A 455 2.31 -0.10 -0.88
N LYS A 456 2.12 1.14 -1.34
CA LYS A 456 3.21 2.00 -1.72
C LYS A 456 3.84 2.63 -0.51
N ASN A 457 5.06 2.21 -0.17
CA ASN A 457 5.78 2.86 0.93
C ASN A 457 6.22 4.24 0.55
N LEU A 458 6.36 5.13 1.52
CA LEU A 458 6.87 6.43 1.24
C LEU A 458 8.43 6.49 1.12
N TYR A 459 9.12 5.47 1.62
CA TYR A 459 10.58 5.35 1.46
C TYR A 459 10.87 4.93 0.02
N PRO A 460 12.01 5.35 -0.55
CA PRO A 460 12.38 5.00 -1.92
C PRO A 460 12.28 3.49 -2.19
N SER A 461 11.57 3.17 -3.29
CA SER A 461 11.23 1.80 -3.70
C SER A 461 10.75 1.86 -5.16
N TRP A 462 11.22 0.91 -5.98
CA TRP A 462 11.02 0.89 -7.42
C TRP A 462 10.22 -0.35 -7.85
N LEU A 463 9.17 -0.62 -7.10
CA LEU A 463 8.36 -1.83 -7.24
C LEU A 463 7.03 -1.59 -7.93
N GLN A 464 6.32 -2.64 -8.35
CA GLN A 464 4.92 -2.43 -8.76
C GLN A 464 4.03 -2.40 -7.53
N ASP A 465 3.39 -1.27 -7.29
CA ASP A 465 2.53 -1.09 -6.09
C ASP A 465 1.16 -0.54 -6.51
N PHE A 466 0.24 -0.46 -5.54
CA PHE A 466 -1.13 -0.05 -5.83
C PHE A 466 -1.80 0.39 -4.55
N GLY A 467 -2.74 1.32 -4.66
CA GLY A 467 -3.54 1.75 -3.54
C GLY A 467 -4.75 2.59 -3.93
N TYR A 468 -5.51 3.03 -2.92
CA TYR A 468 -6.62 3.90 -3.17
C TYR A 468 -6.51 5.18 -2.33
N ILE A 469 -6.83 6.29 -2.95
CA ILE A 469 -7.01 7.58 -2.26
C ILE A 469 -8.51 7.87 -2.20
N VAL A 470 -9.07 7.94 -0.98
CA VAL A 470 -10.51 7.99 -0.72
C VAL A 470 -10.79 9.36 -0.12
N GLU A 471 -11.73 10.14 -0.67
CA GLU A 471 -12.13 11.42 -0.04
C GLU A 471 -13.57 11.23 0.54
N SER A 472 -13.63 11.06 1.85
CA SER A 472 -14.87 10.83 2.57
C SER A 472 -14.61 11.16 4.05
N PRO A 473 -14.95 12.37 4.47
CA PRO A 473 -14.82 12.78 5.86
C PRO A 473 -15.37 11.82 6.86
N GLU A 474 -16.50 11.21 6.55
CA GLU A 474 -17.05 10.18 7.42
C GLU A 474 -16.10 9.00 7.62
N ALA A 475 -15.62 8.45 6.52
CA ALA A 475 -14.64 7.38 6.58
C ALA A 475 -13.35 7.79 7.28
N ALA A 476 -12.91 9.00 7.08
CA ALA A 476 -11.64 9.47 7.62
C ALA A 476 -11.79 9.63 9.14
N LYS A 477 -13.00 10.01 9.58
CA LYS A 477 -13.23 10.09 11.04
C LYS A 477 -13.24 8.70 11.66
N GLN A 478 -13.73 7.71 10.92
CA GLN A 478 -13.73 6.34 11.41
C GLN A 478 -12.27 5.87 11.51
N LEU A 479 -11.45 6.27 10.54
CA LEU A 479 -10.01 5.94 10.52
C LEU A 479 -9.33 6.58 11.73
N ASP A 480 -9.75 7.78 12.08
CA ASP A 480 -9.20 8.45 13.28
C ASP A 480 -9.53 7.65 14.52
N ALA A 481 -10.80 7.38 14.71
CA ALA A 481 -11.29 6.73 15.92
C ALA A 481 -10.75 5.35 16.09
N LYS A 482 -10.58 4.59 14.98
CA LYS A 482 -10.30 3.16 15.11
C LYS A 482 -8.83 2.87 14.99
N LEU A 483 -8.07 3.78 14.37
CA LEU A 483 -6.62 3.55 14.14
C LEU A 483 -5.69 4.67 14.54
N LEU A 484 -5.86 5.89 14.00
CA LEU A 484 -4.88 6.91 14.25
C LEU A 484 -4.88 7.42 15.69
N ASP A 485 -6.08 7.58 16.25
CA ASP A 485 -6.19 8.03 17.66
C ASP A 485 -5.61 7.00 18.63
N PRO A 486 -6.00 5.73 18.57
CA PRO A 486 -5.38 4.71 19.43
C PRO A 486 -3.87 4.68 19.19
N GLN A 487 -3.46 4.76 17.94
CA GLN A 487 -2.02 4.80 17.66
C GLN A 487 -1.27 5.93 18.36
N TRP A 488 -1.80 7.16 18.30
CA TRP A 488 -1.08 8.26 18.88
C TRP A 488 -1.17 8.21 20.43
N LYS A 489 -2.25 7.64 20.93
CA LYS A 489 -2.43 7.49 22.40
C LYS A 489 -1.25 6.74 23.02
N TYR A 490 -0.88 5.60 22.42
CA TYR A 490 0.23 4.78 22.91
C TYR A 490 1.61 5.20 22.33
N SER A 491 1.69 5.69 21.09
CA SER A 491 2.96 5.98 20.44
C SER A 491 3.54 7.28 20.94
N GLN A 492 2.68 8.18 21.44
CA GLN A 492 3.18 9.54 21.69
C GLN A 492 4.27 9.53 22.78
N GLU A 493 4.28 8.49 23.60
CA GLU A 493 5.34 8.36 24.67
C GLU A 493 6.77 8.19 24.12
N THR A 494 6.94 7.74 22.87
CA THR A 494 8.27 7.71 22.24
C THR A 494 8.67 8.97 21.44
N ALA A 495 7.84 10.02 21.41
CA ALA A 495 8.06 11.13 20.51
C ALA A 495 9.35 11.89 20.83
N THR A 496 10.13 12.18 19.82
CA THR A 496 11.24 13.11 19.93
C THR A 496 10.85 14.53 19.61
N VAL A 497 9.79 14.69 18.82
CA VAL A 497 9.24 16.02 18.56
C VAL A 497 7.72 15.93 18.76
N ASP A 498 7.11 16.85 19.52
CA ASP A 498 5.66 16.84 19.65
C ASP A 498 5.19 18.24 19.98
N TYR A 499 4.82 18.98 18.94
CA TYR A 499 4.33 20.36 19.10
C TYR A 499 3.21 20.52 20.15
N ALA A 500 2.32 19.53 20.31
CA ALA A 500 1.17 19.62 21.21
C ALA A 500 1.54 19.64 22.71
N ARG A 501 2.75 19.19 23.03
CA ARG A 501 3.30 19.19 24.38
C ARG A 501 4.65 19.91 24.47
N GLY A 502 5.01 20.71 23.47
CA GLY A 502 6.27 21.43 23.46
C GLY A 502 7.57 20.60 23.53
N ILE A 503 7.51 19.32 23.16
CA ILE A 503 8.70 18.45 23.12
C ILE A 503 9.50 18.69 21.85
N CYS A 504 10.80 18.88 22.01
CA CYS A 504 11.68 19.28 20.92
C CYS A 504 13.11 18.81 21.14
N ASN A 505 13.37 17.52 20.94
CA ASN A 505 14.69 16.98 21.24
C ASN A 505 15.66 17.09 20.07
P PO3 B . 6.51 -4.43 1.49
O1 PO3 B . 5.58 -5.56 1.90
O2 PO3 B . 6.30 -3.12 2.33
O3 PO3 B . 7.95 -4.78 1.23
#